data_3BQD
#
_entry.id   3BQD
#
_cell.length_a   93.800
_cell.length_b   93.800
_cell.length_c   130.000
_cell.angle_alpha   90.00
_cell.angle_beta   90.00
_cell.angle_gamma   120.00
#
_symmetry.space_group_name_H-M   'P 62'
#
loop_
_entity.id
_entity.type
_entity.pdbx_description
1 polymer 'Glucocorticoid receptor'
2 polymer 'Nuclear receptor coactivator 1'
3 non-polymer 1-[(1R,2R,3aS,3bS,10aR,10bS,11S,12aS)-1,11-dihydroxy-2,5,10a,12a-tetramethyl-7-phenyl-1,2,3,3a,3b,7,10,10a,10b,11,12,12a-dodecahydrocyclopenta[5,6]naphtho[1,2-f]indazol-1-yl]-2-hydroxyethanone
4 water water
#
loop_
_entity_poly.entity_id
_entity_poly.type
_entity_poly.pdbx_seq_one_letter_code
_entity_poly.pdbx_strand_id
1 'polypeptide(L)'
;GSLPQLTPTLVSLLEVIEPEVLYAGYDSSVPDSTWRIMTTLNMLGGRQVIAAVKWAKAIPGFRNLHLDDQMTLLQYSWMS
LMAFALGWRSYRQSSANLLCFAPDLIINEQRMTLPCMYDQCKHMLYVSSELHRLQVSYEEYLCMKTLLLLSSVPKDGLKS
QELFDEIRMTYIKELGKAIVKREGNSSQNWQRFYQLTKLLDSMHEVVENLLNYCFQTFLDKTMSIEFPEMLAEIITNQIP
KYSNGNIKKLLFHQK
;
A
2 'polypeptide(L)' AQQKSLLQQLLTE B
#
# COMPACT_ATOMS: atom_id res chain seq x y z
N LEU A 3 -22.93 4.12 -24.35
CA LEU A 3 -23.35 5.42 -23.78
C LEU A 3 -22.49 5.89 -22.61
N PRO A 4 -22.69 5.34 -21.38
CA PRO A 4 -21.83 5.80 -20.27
C PRO A 4 -20.36 5.83 -20.63
N GLN A 5 -19.58 4.84 -20.19
CA GLN A 5 -18.12 4.73 -20.45
C GLN A 5 -17.43 6.01 -20.96
N LEU A 6 -18.12 6.75 -21.84
CA LEU A 6 -17.66 8.01 -22.41
C LEU A 6 -17.89 9.20 -21.44
N THR A 7 -18.39 8.91 -20.24
CA THR A 7 -18.60 9.94 -19.23
C THR A 7 -17.91 9.38 -17.98
N PRO A 8 -16.64 9.74 -17.80
CA PRO A 8 -15.75 9.35 -16.70
C PRO A 8 -16.34 9.48 -15.30
N THR A 9 -16.10 8.45 -14.49
CA THR A 9 -16.54 8.42 -13.10
C THR A 9 -15.28 8.36 -12.28
N LEU A 10 -15.32 8.84 -11.05
CA LEU A 10 -14.14 8.82 -10.23
C LEU A 10 -13.59 7.42 -10.17
N VAL A 11 -14.46 6.44 -10.04
CA VAL A 11 -14.01 5.05 -9.95
C VAL A 11 -13.43 4.54 -11.26
N SER A 12 -14.09 4.84 -12.40
CA SER A 12 -13.57 4.37 -13.69
C SER A 12 -12.18 4.98 -13.94
N LEU A 13 -11.94 6.16 -13.39
CA LEU A 13 -10.63 6.79 -13.57
C LEU A 13 -9.58 6.11 -12.67
N LEU A 14 -9.99 5.67 -11.48
CA LEU A 14 -9.07 4.99 -10.57
C LEU A 14 -8.65 3.66 -11.19
N GLU A 15 -9.56 3.06 -11.96
CA GLU A 15 -9.29 1.80 -12.62
C GLU A 15 -8.22 1.92 -13.72
N VAL A 16 -8.20 3.04 -14.45
CA VAL A 16 -7.20 3.20 -15.50
C VAL A 16 -5.84 3.69 -15.04
N ILE A 17 -5.77 4.43 -13.93
CA ILE A 17 -4.44 4.88 -13.50
C ILE A 17 -3.70 3.81 -12.70
N GLU A 18 -4.39 2.70 -12.41
CA GLU A 18 -3.79 1.60 -11.67
C GLU A 18 -2.52 1.19 -12.38
N PRO A 19 -1.35 1.37 -11.74
CA PRO A 19 -0.09 0.98 -12.39
C PRO A 19 -0.12 -0.46 -12.88
N GLU A 20 0.49 -0.71 -14.05
CA GLU A 20 0.49 -2.06 -14.59
C GLU A 20 1.46 -2.96 -13.82
N VAL A 21 1.28 -4.27 -13.98
CA VAL A 21 2.09 -5.27 -13.30
C VAL A 21 3.57 -5.27 -13.71
N LEU A 22 4.47 -5.23 -12.72
CA LEU A 22 5.89 -5.23 -13.01
C LEU A 22 6.42 -6.66 -12.97
N TYR A 23 7.49 -6.89 -13.72
CA TYR A 23 8.16 -8.19 -13.78
C TYR A 23 9.46 -8.01 -12.99
N ALA A 24 9.91 -9.07 -12.34
CA ALA A 24 11.09 -9.00 -11.49
C ALA A 24 12.46 -8.87 -12.15
N GLY A 25 12.52 -9.10 -13.45
CA GLY A 25 13.80 -9.04 -14.13
C GLY A 25 14.13 -10.53 -14.13
N TYR A 26 14.61 -11.00 -12.98
CA TYR A 26 14.93 -12.41 -12.72
C TYR A 26 16.35 -12.93 -12.47
N ASP A 27 16.58 -14.14 -12.98
CA ASP A 27 17.78 -14.96 -12.82
C ASP A 27 16.93 -15.90 -11.97
N SER A 28 15.83 -16.28 -12.62
CA SER A 28 14.74 -17.11 -12.12
C SER A 28 14.99 -18.42 -11.40
N SER A 29 16.23 -18.89 -11.35
CA SER A 29 16.54 -20.12 -10.65
C SER A 29 16.25 -19.87 -9.16
N VAL A 30 15.57 -18.75 -8.91
CA VAL A 30 15.16 -18.25 -7.57
C VAL A 30 15.66 -19.13 -6.41
N PRO A 31 16.43 -18.53 -5.50
CA PRO A 31 17.06 -19.14 -4.32
C PRO A 31 16.30 -19.55 -3.08
N ASP A 32 17.11 -20.13 -2.20
CA ASP A 32 16.69 -20.67 -0.92
C ASP A 32 17.22 -19.80 0.20
N SER A 33 18.22 -18.99 -0.09
CA SER A 33 18.75 -18.17 0.97
C SER A 33 17.75 -17.05 1.24
N THR A 34 17.32 -17.01 2.49
CA THR A 34 16.38 -16.02 2.98
C THR A 34 16.92 -14.62 2.65
N TRP A 35 18.22 -14.47 2.75
CA TRP A 35 18.90 -13.20 2.52
C TRP A 35 18.84 -12.70 1.07
N ARG A 36 18.87 -13.63 0.12
CA ARG A 36 18.80 -13.25 -1.28
C ARG A 36 17.37 -12.82 -1.59
N ILE A 37 16.39 -13.59 -1.11
CA ILE A 37 14.97 -13.26 -1.30
C ILE A 37 14.75 -11.79 -0.94
N MET A 38 15.10 -11.45 0.31
CA MET A 38 14.96 -10.09 0.82
C MET A 38 15.60 -9.05 -0.07
N THR A 39 16.88 -9.24 -0.39
CA THR A 39 17.58 -8.29 -1.26
C THR A 39 16.80 -8.13 -2.58
N THR A 40 16.48 -9.25 -3.20
CA THR A 40 15.73 -9.25 -4.44
C THR A 40 14.40 -8.51 -4.29
N LEU A 41 13.66 -8.81 -3.22
CA LEU A 41 12.38 -8.15 -3.00
C LEU A 41 12.58 -6.66 -2.72
N ASN A 42 13.64 -6.30 -2.01
CA ASN A 42 13.87 -4.88 -1.76
C ASN A 42 14.09 -4.17 -3.10
N MET A 43 14.83 -4.80 -4.00
CA MET A 43 15.10 -4.20 -5.31
C MET A 43 13.81 -3.97 -6.10
N LEU A 44 12.97 -5.00 -6.16
CA LEU A 44 11.71 -4.89 -6.88
C LEU A 44 10.85 -3.84 -6.17
N GLY A 45 10.92 -3.85 -4.84
CA GLY A 45 10.14 -2.90 -4.07
C GLY A 45 10.41 -1.48 -4.52
N GLY A 46 11.67 -1.13 -4.72
CA GLY A 46 12.00 0.22 -5.16
C GLY A 46 11.24 0.60 -6.42
N ARG A 47 11.21 -0.29 -7.40
CA ARG A 47 10.50 -0.04 -8.64
C ARG A 47 9.01 0.10 -8.36
N GLN A 48 8.50 -0.83 -7.55
CA GLN A 48 7.10 -0.88 -7.16
C GLN A 48 6.64 0.44 -6.51
N VAL A 49 7.52 1.06 -5.73
CA VAL A 49 7.19 2.32 -5.07
C VAL A 49 7.18 3.49 -6.04
N ILE A 50 8.13 3.52 -6.97
CA ILE A 50 8.16 4.58 -7.97
C ILE A 50 6.89 4.49 -8.78
N ALA A 51 6.48 3.27 -9.12
CA ALA A 51 5.26 3.08 -9.88
C ALA A 51 4.08 3.65 -9.09
N ALA A 52 4.11 3.46 -7.78
CA ALA A 52 3.04 3.96 -6.92
C ALA A 52 3.05 5.48 -6.85
N VAL A 53 4.23 6.09 -6.77
CA VAL A 53 4.28 7.55 -6.69
C VAL A 53 3.61 8.14 -7.93
N LYS A 54 3.99 7.62 -9.08
CA LYS A 54 3.39 8.08 -10.33
C LYS A 54 1.88 7.97 -10.20
N TRP A 55 1.41 6.82 -9.74
CA TRP A 55 -0.03 6.59 -9.54
C TRP A 55 -0.64 7.66 -8.64
N ALA A 56 0.03 7.99 -7.53
CA ALA A 56 -0.51 9.00 -6.62
C ALA A 56 -0.74 10.32 -7.33
N LYS A 57 0.19 10.68 -8.21
CA LYS A 57 0.10 11.93 -8.94
C LYS A 57 -1.06 11.94 -9.92
N ALA A 58 -1.57 10.76 -10.25
CA ALA A 58 -2.69 10.66 -11.20
C ALA A 58 -4.04 10.64 -10.49
N ILE A 59 -4.00 10.67 -9.16
CA ILE A 59 -5.24 10.63 -8.40
C ILE A 59 -5.86 12.01 -8.37
N PRO A 60 -7.13 12.12 -8.81
CA PRO A 60 -7.85 13.38 -8.84
C PRO A 60 -7.75 14.10 -7.52
N GLY A 61 -7.22 15.32 -7.55
CA GLY A 61 -7.10 16.11 -6.34
C GLY A 61 -5.83 15.91 -5.55
N PHE A 62 -5.11 14.82 -5.76
CA PHE A 62 -3.90 14.61 -4.99
C PHE A 62 -2.87 15.70 -5.18
N ARG A 63 -2.51 16.01 -6.42
CA ARG A 63 -1.50 17.04 -6.65
C ARG A 63 -1.93 18.48 -6.38
N ASN A 64 -3.19 18.66 -6.02
CA ASN A 64 -3.69 19.99 -5.69
C ASN A 64 -3.40 20.24 -4.22
N LEU A 65 -2.50 19.44 -3.66
CA LEU A 65 -2.09 19.59 -2.27
C LEU A 65 -0.69 20.14 -2.29
N HIS A 66 -0.28 20.82 -1.23
CA HIS A 66 1.06 21.37 -1.20
C HIS A 66 2.02 20.20 -1.43
N LEU A 67 2.98 20.41 -2.32
CA LEU A 67 3.96 19.38 -2.65
C LEU A 67 4.59 18.79 -1.40
N ASP A 68 4.58 19.54 -0.31
CA ASP A 68 5.14 19.06 0.95
C ASP A 68 4.24 17.99 1.56
N ASP A 69 2.93 18.14 1.39
CA ASP A 69 1.97 17.19 1.92
C ASP A 69 1.98 15.93 1.04
N GLN A 70 2.23 16.12 -0.25
CA GLN A 70 2.30 15.00 -1.16
C GLN A 70 3.45 14.08 -0.76
N MET A 71 4.49 14.67 -0.18
CA MET A 71 5.65 13.91 0.26
C MET A 71 5.38 13.21 1.58
N THR A 72 4.86 13.98 2.54
CA THR A 72 4.57 13.43 3.84
C THR A 72 3.67 12.22 3.68
N LEU A 73 2.61 12.38 2.88
CA LEU A 73 1.68 11.30 2.62
C LEU A 73 2.36 10.04 2.12
N LEU A 74 3.04 10.14 0.98
CA LEU A 74 3.71 8.97 0.41
C LEU A 74 4.75 8.31 1.31
N GLN A 75 5.38 9.09 2.19
CA GLN A 75 6.39 8.54 3.08
C GLN A 75 5.77 7.85 4.28
N TYR A 76 4.52 8.23 4.58
CA TYR A 76 3.80 7.66 5.70
C TYR A 76 3.01 6.42 5.28
N SER A 77 2.63 6.36 4.01
CA SER A 77 1.80 5.26 3.54
C SER A 77 2.37 4.31 2.51
N TRP A 78 3.62 4.45 2.12
CA TRP A 78 4.12 3.55 1.10
C TRP A 78 4.01 2.07 1.49
N MET A 79 4.46 1.69 2.68
CA MET A 79 4.38 0.29 3.08
C MET A 79 2.94 -0.22 2.99
N SER A 80 2.00 0.66 3.32
CA SER A 80 0.60 0.33 3.30
C SER A 80 0.12 0.04 1.88
N LEU A 81 0.40 0.96 0.97
CA LEU A 81 0.00 0.79 -0.43
C LEU A 81 0.61 -0.48 -0.99
N MET A 82 1.82 -0.77 -0.54
CA MET A 82 2.57 -1.94 -0.97
C MET A 82 1.95 -3.26 -0.47
N ALA A 83 1.67 -3.31 0.83
CA ALA A 83 1.09 -4.50 1.44
C ALA A 83 -0.31 -4.76 0.89
N PHE A 84 -1.09 -3.70 0.71
CA PHE A 84 -2.45 -3.87 0.22
C PHE A 84 -2.46 -4.37 -1.23
N ALA A 85 -1.64 -3.78 -2.08
CA ALA A 85 -1.59 -4.20 -3.48
C ALA A 85 -1.04 -5.62 -3.60
N LEU A 86 -0.03 -5.96 -2.81
CA LEU A 86 0.52 -7.31 -2.84
C LEU A 86 -0.54 -8.30 -2.37
N GLY A 87 -1.34 -7.86 -1.40
CA GLY A 87 -2.37 -8.72 -0.86
C GLY A 87 -3.40 -9.01 -1.91
N TRP A 88 -3.84 -7.97 -2.60
CA TRP A 88 -4.84 -8.11 -3.65
C TRP A 88 -4.31 -8.97 -4.78
N ARG A 89 -3.08 -8.72 -5.20
CA ARG A 89 -2.55 -9.50 -6.29
C ARG A 89 -2.41 -10.97 -5.91
N SER A 90 -2.13 -11.23 -4.64
CA SER A 90 -1.99 -12.59 -4.15
C SER A 90 -3.33 -13.29 -4.07
N TYR A 91 -4.36 -12.53 -3.75
CA TYR A 91 -5.72 -13.02 -3.64
C TYR A 91 -6.27 -13.44 -5.01
N ARG A 92 -6.26 -12.51 -5.96
CA ARG A 92 -6.77 -12.79 -7.30
C ARG A 92 -5.90 -13.77 -8.09
N GLN A 93 -4.66 -13.97 -7.66
CA GLN A 93 -3.73 -14.85 -8.34
C GLN A 93 -3.98 -16.35 -8.19
N SER A 94 -4.22 -16.80 -6.97
CA SER A 94 -4.41 -18.22 -6.75
C SER A 94 -5.44 -18.56 -5.69
N SER A 95 -5.94 -19.79 -5.78
CA SER A 95 -6.95 -20.30 -4.87
C SER A 95 -6.57 -20.13 -3.41
N ALA A 96 -5.29 -19.84 -3.14
CA ALA A 96 -4.80 -19.63 -1.77
C ALA A 96 -3.28 -19.75 -1.61
N ASN A 97 -2.87 -19.78 -0.34
CA ASN A 97 -1.49 -19.98 0.13
C ASN A 97 -0.27 -19.17 -0.28
N LEU A 98 -0.30 -18.37 -1.34
CA LEU A 98 0.93 -17.66 -1.72
C LEU A 98 1.01 -16.14 -1.77
N LEU A 99 2.22 -15.65 -2.02
CA LEU A 99 2.50 -14.23 -2.16
C LEU A 99 3.03 -14.02 -3.57
N CYS A 100 2.26 -13.31 -4.38
CA CYS A 100 2.62 -13.08 -5.77
C CYS A 100 3.23 -11.71 -6.01
N PHE A 101 4.54 -11.57 -5.82
CA PHE A 101 5.20 -10.26 -6.01
C PHE A 101 5.26 -9.80 -7.47
N ALA A 102 5.35 -10.75 -8.38
CA ALA A 102 5.41 -10.49 -9.82
C ALA A 102 4.95 -11.76 -10.50
N PRO A 103 4.69 -11.71 -11.81
CA PRO A 103 4.25 -12.93 -12.50
C PRO A 103 5.42 -13.93 -12.60
N ASP A 104 6.64 -13.40 -12.47
CA ASP A 104 7.88 -14.17 -12.55
C ASP A 104 8.61 -14.18 -11.21
N LEU A 105 7.87 -13.93 -10.13
CA LEU A 105 8.45 -13.93 -8.77
C LEU A 105 7.36 -14.30 -7.76
N ILE A 106 7.28 -15.58 -7.42
CA ILE A 106 6.28 -16.02 -6.46
C ILE A 106 6.87 -16.77 -5.28
N ILE A 107 6.39 -16.45 -4.09
CA ILE A 107 6.86 -17.12 -2.89
C ILE A 107 5.74 -18.09 -2.52
N ASN A 108 6.02 -19.38 -2.66
CA ASN A 108 5.04 -20.41 -2.36
C ASN A 108 5.26 -20.96 -0.95
N GLU A 109 4.40 -21.89 -0.54
CA GLU A 109 4.46 -22.54 0.78
C GLU A 109 5.89 -22.95 1.15
N GLN A 110 6.62 -23.53 0.21
CA GLN A 110 8.00 -23.95 0.45
C GLN A 110 8.91 -22.82 0.91
N ARG A 111 9.09 -21.81 0.06
CA ARG A 111 9.95 -20.68 0.37
C ARG A 111 9.44 -19.83 1.52
N MET A 112 8.13 -19.74 1.62
CA MET A 112 7.46 -18.96 2.65
C MET A 112 7.89 -19.37 4.04
N THR A 113 8.34 -20.61 4.19
CA THR A 113 8.74 -21.12 5.50
C THR A 113 10.24 -21.34 5.70
N LEU A 114 11.05 -20.82 4.79
CA LEU A 114 12.50 -20.93 4.94
C LEU A 114 12.88 -20.19 6.24
N PRO A 115 14.02 -20.54 6.86
CA PRO A 115 14.48 -19.92 8.11
C PRO A 115 13.89 -18.60 8.64
N CYS A 116 14.04 -17.47 7.96
CA CYS A 116 13.46 -16.25 8.55
C CYS A 116 12.32 -15.60 7.76
N MET A 117 11.71 -16.36 6.88
CA MET A 117 10.65 -15.85 6.03
C MET A 117 9.28 -15.70 6.64
N TYR A 118 8.76 -16.77 7.23
CA TYR A 118 7.41 -16.74 7.77
C TYR A 118 7.05 -15.55 8.66
N ASP A 119 7.92 -15.18 9.60
CA ASP A 119 7.62 -14.05 10.47
C ASP A 119 7.39 -12.74 9.72
N GLN A 120 8.04 -12.58 8.57
CA GLN A 120 7.88 -11.40 7.73
C GLN A 120 6.64 -11.56 6.84
N CYS A 121 6.54 -12.70 6.16
CA CYS A 121 5.42 -12.96 5.25
C CYS A 121 4.02 -13.13 5.85
N LYS A 122 3.92 -13.67 7.05
CA LYS A 122 2.61 -13.93 7.64
C LYS A 122 1.72 -12.69 7.65
N HIS A 123 2.33 -11.52 7.80
CA HIS A 123 1.60 -10.26 7.83
C HIS A 123 1.09 -9.93 6.45
N MET A 124 1.88 -10.27 5.44
CA MET A 124 1.50 -10.02 4.06
C MET A 124 0.38 -10.99 3.66
N LEU A 125 0.43 -12.22 4.18
CA LEU A 125 -0.60 -13.21 3.89
C LEU A 125 -1.90 -12.78 4.56
N TYR A 126 -1.77 -12.11 5.70
CA TYR A 126 -2.93 -11.65 6.42
C TYR A 126 -3.87 -10.82 5.55
N VAL A 127 -3.38 -9.70 4.99
CA VAL A 127 -4.23 -8.85 4.15
C VAL A 127 -4.81 -9.64 2.97
N SER A 128 -4.06 -10.62 2.49
CA SER A 128 -4.55 -11.43 1.39
C SER A 128 -5.74 -12.27 1.85
N SER A 129 -5.63 -12.86 3.03
CA SER A 129 -6.70 -13.69 3.55
C SER A 129 -7.92 -12.83 3.86
N GLU A 130 -7.68 -11.62 4.36
CA GLU A 130 -8.78 -10.71 4.68
C GLU A 130 -9.57 -10.35 3.44
N LEU A 131 -8.87 -10.04 2.35
CA LEU A 131 -9.51 -9.68 1.08
C LEU A 131 -10.37 -10.84 0.61
N HIS A 132 -9.88 -12.05 0.80
CA HIS A 132 -10.61 -13.25 0.40
C HIS A 132 -11.83 -13.39 1.30
N ARG A 133 -11.59 -13.41 2.61
CA ARG A 133 -12.65 -13.56 3.61
C ARG A 133 -13.86 -12.65 3.39
N LEU A 134 -13.61 -11.38 3.09
CA LEU A 134 -14.69 -10.41 2.88
C LEU A 134 -15.15 -10.31 1.43
N GLN A 135 -14.54 -11.10 0.56
CA GLN A 135 -14.89 -11.10 -0.87
C GLN A 135 -14.97 -9.66 -1.38
N VAL A 136 -13.85 -8.96 -1.31
CA VAL A 136 -13.78 -7.57 -1.75
C VAL A 136 -13.79 -7.49 -3.27
N SER A 137 -14.59 -6.57 -3.79
CA SER A 137 -14.69 -6.36 -5.24
C SER A 137 -13.55 -5.45 -5.72
N TYR A 138 -13.25 -5.51 -7.01
CA TYR A 138 -12.16 -4.70 -7.56
C TYR A 138 -12.38 -3.21 -7.31
N GLU A 139 -13.63 -2.76 -7.40
CA GLU A 139 -13.92 -1.36 -7.18
C GLU A 139 -13.73 -0.95 -5.73
N GLU A 140 -14.16 -1.82 -4.81
CA GLU A 140 -14.00 -1.54 -3.40
C GLU A 140 -12.51 -1.34 -3.12
N TYR A 141 -11.70 -2.23 -3.67
CA TYR A 141 -10.26 -2.19 -3.51
C TYR A 141 -9.64 -0.92 -4.07
N LEU A 142 -10.10 -0.48 -5.24
CA LEU A 142 -9.51 0.71 -5.84
C LEU A 142 -9.68 1.92 -4.93
N CYS A 143 -10.83 1.99 -4.25
CA CYS A 143 -11.13 3.09 -3.34
C CYS A 143 -10.38 2.97 -2.03
N MET A 144 -10.42 1.77 -1.45
CA MET A 144 -9.74 1.49 -0.21
C MET A 144 -8.25 1.82 -0.34
N LYS A 145 -7.64 1.40 -1.44
CA LYS A 145 -6.24 1.69 -1.66
C LYS A 145 -5.99 3.20 -1.71
N THR A 146 -6.93 3.97 -2.24
CA THR A 146 -6.74 5.41 -2.30
C THR A 146 -6.82 5.97 -0.88
N LEU A 147 -7.76 5.45 -0.11
CA LEU A 147 -7.92 5.89 1.27
C LEU A 147 -6.67 5.59 2.08
N LEU A 148 -6.01 4.49 1.76
CA LEU A 148 -4.80 4.11 2.46
C LEU A 148 -3.71 5.17 2.28
N LEU A 149 -3.70 5.81 1.12
CA LEU A 149 -2.72 6.87 0.85
C LEU A 149 -2.99 8.05 1.78
N LEU A 150 -4.25 8.23 2.11
CA LEU A 150 -4.71 9.32 2.96
C LEU A 150 -5.01 8.87 4.40
N SER A 151 -4.36 7.81 4.87
CA SER A 151 -4.64 7.27 6.20
C SER A 151 -3.70 7.70 7.34
N SER A 152 -2.77 8.58 7.05
CA SER A 152 -1.85 9.05 8.08
C SER A 152 -1.36 10.44 7.80
N VAL A 153 -1.72 11.36 8.67
CA VAL A 153 -1.31 12.75 8.54
C VAL A 153 -0.38 13.07 9.70
N PRO A 154 0.35 14.18 9.62
CA PRO A 154 1.25 14.52 10.73
C PRO A 154 0.45 15.02 11.94
N LYS A 155 0.92 14.68 13.14
CA LYS A 155 0.27 15.09 14.37
C LYS A 155 -0.18 16.54 14.27
N ASP A 156 0.73 17.38 13.79
CA ASP A 156 0.50 18.80 13.61
C ASP A 156 -0.03 19.12 12.21
N GLY A 157 -1.12 18.46 11.82
CA GLY A 157 -1.74 18.67 10.52
C GLY A 157 -0.86 18.78 9.28
N LEU A 158 -1.47 19.23 8.19
CA LEU A 158 -0.81 19.40 6.91
C LEU A 158 -0.86 20.87 6.51
N LYS A 159 -0.28 21.19 5.37
CA LYS A 159 -0.28 22.57 4.90
C LYS A 159 -1.39 22.76 3.87
N SER A 160 -2.35 21.83 3.88
CA SER A 160 -3.49 21.86 2.96
C SER A 160 -4.66 21.15 3.62
N GLN A 161 -4.58 21.06 4.94
CA GLN A 161 -5.60 20.40 5.76
C GLN A 161 -7.01 20.40 5.17
N GLU A 162 -7.54 21.59 4.92
CA GLU A 162 -8.88 21.75 4.37
C GLU A 162 -9.07 20.89 3.12
N LEU A 163 -8.24 21.13 2.11
CA LEU A 163 -8.33 20.39 0.86
C LEU A 163 -8.21 18.88 1.07
N PHE A 164 -7.35 18.47 2.01
CA PHE A 164 -7.16 17.07 2.33
C PHE A 164 -8.47 16.46 2.82
N ASP A 165 -9.06 17.10 3.82
CA ASP A 165 -10.32 16.65 4.42
C ASP A 165 -11.40 16.45 3.36
N GLU A 166 -11.39 17.32 2.36
CA GLU A 166 -12.37 17.27 1.27
C GLU A 166 -12.12 16.08 0.35
N ILE A 167 -10.85 15.79 0.09
CA ILE A 167 -10.49 14.68 -0.79
C ILE A 167 -10.76 13.35 -0.10
N ARG A 168 -10.32 13.24 1.16
CA ARG A 168 -10.49 12.01 1.93
C ARG A 168 -11.96 11.62 1.94
N MET A 169 -12.83 12.61 2.17
CA MET A 169 -14.26 12.34 2.19
C MET A 169 -14.80 11.93 0.83
N THR A 170 -14.29 12.56 -0.22
CA THR A 170 -14.73 12.23 -1.58
C THR A 170 -14.54 10.74 -1.86
N TYR A 171 -13.39 10.21 -1.43
CA TYR A 171 -13.10 8.81 -1.65
C TYR A 171 -13.82 7.88 -0.68
N ILE A 172 -14.20 8.40 0.48
CA ILE A 172 -14.93 7.62 1.44
C ILE A 172 -16.30 7.39 0.83
N LYS A 173 -16.88 8.46 0.29
CA LYS A 173 -18.19 8.36 -0.34
C LYS A 173 -18.07 7.49 -1.60
N GLU A 174 -16.92 7.59 -2.25
CA GLU A 174 -16.65 6.82 -3.45
C GLU A 174 -16.66 5.33 -3.15
N LEU A 175 -16.21 4.98 -1.94
CA LEU A 175 -16.17 3.59 -1.48
C LEU A 175 -17.59 3.17 -1.12
N GLY A 176 -18.39 4.12 -0.64
CA GLY A 176 -19.76 3.81 -0.28
C GLY A 176 -20.50 3.31 -1.50
N LYS A 177 -20.30 4.02 -2.62
CA LYS A 177 -20.92 3.69 -3.91
C LYS A 177 -20.53 2.29 -4.37
N ALA A 178 -19.25 1.97 -4.29
CA ALA A 178 -18.79 0.65 -4.70
C ALA A 178 -19.46 -0.43 -3.87
N ILE A 179 -19.97 -0.08 -2.69
CA ILE A 179 -20.64 -1.08 -1.86
C ILE A 179 -22.07 -1.21 -2.34
N VAL A 180 -22.73 -0.07 -2.54
CA VAL A 180 -24.09 -0.04 -3.02
C VAL A 180 -24.19 -0.86 -4.32
N LYS A 181 -23.15 -0.77 -5.14
CA LYS A 181 -23.12 -1.49 -6.40
C LYS A 181 -22.95 -2.99 -6.20
N ARG A 182 -21.93 -3.39 -5.45
CA ARG A 182 -21.70 -4.81 -5.20
C ARG A 182 -23.03 -5.32 -4.64
N GLU A 183 -23.69 -6.17 -5.42
CA GLU A 183 -25.01 -6.69 -5.07
C GLU A 183 -25.90 -5.51 -4.72
N GLY A 184 -27.01 -5.77 -4.04
CA GLY A 184 -27.90 -4.68 -3.68
C GLY A 184 -28.79 -4.99 -2.50
N ASN A 185 -28.26 -4.76 -1.30
CA ASN A 185 -29.02 -5.00 -0.07
C ASN A 185 -29.31 -3.62 0.52
N SER A 186 -29.51 -3.56 1.83
CA SER A 186 -29.78 -2.27 2.47
C SER A 186 -29.26 -2.27 3.91
N SER A 187 -29.47 -3.39 4.59
CA SER A 187 -29.03 -3.56 5.96
C SER A 187 -27.56 -3.96 5.89
N GLN A 188 -27.22 -4.77 4.89
CA GLN A 188 -25.86 -5.23 4.69
C GLN A 188 -24.93 -4.08 4.28
N ASN A 189 -25.48 -3.08 3.61
CA ASN A 189 -24.66 -1.94 3.20
C ASN A 189 -23.98 -1.34 4.42
N TRP A 190 -24.71 -1.26 5.52
CA TRP A 190 -24.17 -0.72 6.77
C TRP A 190 -23.08 -1.64 7.30
N GLN A 191 -23.43 -2.91 7.50
CA GLN A 191 -22.49 -3.89 8.02
C GLN A 191 -21.25 -3.97 7.12
N ARG A 192 -21.50 -3.96 5.82
CA ARG A 192 -20.44 -4.04 4.81
C ARG A 192 -19.47 -2.87 4.97
N PHE A 193 -20.01 -1.67 5.15
CA PHE A 193 -19.19 -0.48 5.31
C PHE A 193 -18.42 -0.54 6.63
N TYR A 194 -19.02 -1.18 7.63
CA TYR A 194 -18.39 -1.33 8.93
C TYR A 194 -17.21 -2.27 8.78
N GLN A 195 -17.41 -3.36 8.06
CA GLN A 195 -16.35 -4.34 7.85
C GLN A 195 -15.15 -3.85 7.05
N LEU A 196 -15.41 -3.10 5.98
CA LEU A 196 -14.31 -2.60 5.17
C LEU A 196 -13.53 -1.51 5.89
N THR A 197 -14.25 -0.63 6.60
CA THR A 197 -13.56 0.41 7.34
C THR A 197 -12.75 -0.25 8.43
N LYS A 198 -13.22 -1.41 8.90
CA LYS A 198 -12.50 -2.15 9.93
C LYS A 198 -11.18 -2.66 9.32
N LEU A 199 -11.28 -3.20 8.11
CA LEU A 199 -10.12 -3.72 7.40
C LEU A 199 -9.10 -2.61 7.23
N LEU A 200 -9.56 -1.45 6.76
CA LEU A 200 -8.68 -0.29 6.55
C LEU A 200 -7.97 0.03 7.84
N ASP A 201 -8.72 0.01 8.93
CA ASP A 201 -8.14 0.30 10.22
C ASP A 201 -7.08 -0.72 10.63
N SER A 202 -7.25 -1.97 10.27
CA SER A 202 -6.28 -2.99 10.65
C SER A 202 -4.97 -2.94 9.86
N MET A 203 -4.99 -2.24 8.71
CA MET A 203 -3.80 -2.08 7.87
C MET A 203 -2.69 -1.35 8.63
N HIS A 204 -3.07 -0.37 9.46
CA HIS A 204 -2.08 0.37 10.25
C HIS A 204 -1.26 -0.63 11.06
N GLU A 205 -1.95 -1.66 11.56
CA GLU A 205 -1.32 -2.72 12.34
C GLU A 205 -0.35 -3.54 11.50
N VAL A 206 -0.80 -4.09 10.37
CA VAL A 206 0.13 -4.88 9.57
C VAL A 206 1.30 -4.00 9.12
N VAL A 207 1.03 -2.73 8.80
CA VAL A 207 2.10 -1.82 8.37
C VAL A 207 3.11 -1.69 9.49
N GLU A 208 2.63 -1.60 10.72
CA GLU A 208 3.50 -1.50 11.88
C GLU A 208 4.44 -2.71 11.99
N ASN A 209 3.92 -3.92 11.76
CA ASN A 209 4.74 -5.11 11.85
C ASN A 209 5.79 -5.17 10.72
N LEU A 210 5.36 -4.88 9.50
CA LEU A 210 6.25 -4.89 8.34
C LEU A 210 7.31 -3.83 8.43
N LEU A 211 6.97 -2.70 9.05
CA LEU A 211 7.92 -1.62 9.18
C LEU A 211 9.03 -1.93 10.18
N ASN A 212 8.73 -2.72 11.21
CA ASN A 212 9.76 -3.06 12.19
C ASN A 212 10.87 -3.84 11.51
N TYR A 213 10.48 -4.81 10.69
CA TYR A 213 11.48 -5.61 10.00
C TYR A 213 12.24 -4.75 9.01
N CYS A 214 11.53 -3.81 8.39
CA CYS A 214 12.12 -2.93 7.41
C CYS A 214 13.16 -2.03 8.05
N PHE A 215 12.82 -1.44 9.20
CA PHE A 215 13.75 -0.55 9.90
C PHE A 215 14.91 -1.33 10.51
N GLN A 216 14.59 -2.39 11.25
CA GLN A 216 15.62 -3.20 11.87
C GLN A 216 16.64 -3.64 10.83
N THR A 217 16.15 -4.16 9.72
CA THR A 217 16.98 -4.64 8.64
C THR A 217 17.80 -3.58 7.93
N PHE A 218 17.22 -2.40 7.76
CA PHE A 218 17.91 -1.31 7.09
C PHE A 218 19.11 -0.73 7.86
N LEU A 219 18.97 -0.65 9.18
CA LEU A 219 19.99 -0.09 10.06
C LEU A 219 21.02 -1.06 10.64
N ASP A 220 20.82 -2.36 10.47
CA ASP A 220 21.71 -3.36 11.04
C ASP A 220 23.21 -3.27 10.70
N LYS A 221 23.53 -3.49 9.44
CA LYS A 221 24.90 -3.47 8.94
C LYS A 221 25.74 -4.63 9.53
N THR A 222 25.06 -5.54 10.22
CA THR A 222 25.68 -6.73 10.77
C THR A 222 25.09 -7.80 9.86
N MET A 223 24.00 -7.41 9.19
CA MET A 223 23.27 -8.25 8.25
C MET A 223 23.70 -7.87 6.84
N SER A 224 23.67 -6.57 6.56
CA SER A 224 24.04 -6.06 5.26
C SER A 224 23.04 -6.52 4.17
N ILE A 225 21.79 -6.07 4.31
CA ILE A 225 20.74 -6.40 3.35
C ILE A 225 20.56 -5.15 2.48
N GLU A 226 20.66 -5.33 1.18
CA GLU A 226 20.57 -4.21 0.25
C GLU A 226 19.18 -3.61 0.00
N PHE A 227 19.13 -2.29 -0.02
CA PHE A 227 17.91 -1.53 -0.29
C PHE A 227 18.23 -0.57 -1.43
N PRO A 228 17.32 -0.42 -2.42
CA PRO A 228 17.61 0.51 -3.51
C PRO A 228 17.71 1.97 -3.02
N GLU A 229 18.35 2.82 -3.82
CA GLU A 229 18.60 4.23 -3.47
C GLU A 229 17.44 5.08 -2.97
N MET A 230 16.37 5.17 -3.75
CA MET A 230 15.24 5.99 -3.35
C MET A 230 14.53 5.47 -2.11
N LEU A 231 14.23 4.18 -2.12
CA LEU A 231 13.56 3.57 -1.00
C LEU A 231 14.38 3.80 0.27
N ALA A 232 15.70 3.65 0.15
CA ALA A 232 16.60 3.85 1.28
C ALA A 232 16.41 5.25 1.86
N GLU A 233 16.26 6.23 0.98
CA GLU A 233 16.08 7.62 1.40
C GLU A 233 14.80 7.81 2.20
N ILE A 234 13.69 7.28 1.68
CA ILE A 234 12.41 7.42 2.36
C ILE A 234 12.47 6.80 3.75
N ILE A 235 13.15 5.66 3.86
CA ILE A 235 13.26 4.97 5.14
C ILE A 235 14.08 5.76 6.15
N THR A 236 15.27 6.21 5.75
CA THR A 236 16.13 7.00 6.64
C THR A 236 15.37 8.25 7.09
N ASN A 237 14.52 8.73 6.21
CA ASN A 237 13.72 9.93 6.43
C ASN A 237 12.54 9.74 7.38
N GLN A 238 11.95 8.56 7.38
CA GLN A 238 10.79 8.26 8.22
C GLN A 238 11.05 7.62 9.57
N ILE A 239 12.16 6.88 9.70
CA ILE A 239 12.47 6.22 10.95
C ILE A 239 12.48 7.16 12.16
N PRO A 240 13.00 8.39 12.00
CA PRO A 240 13.03 9.30 13.15
C PRO A 240 11.62 9.76 13.56
N LYS A 241 10.80 10.11 12.57
CA LYS A 241 9.44 10.57 12.82
C LYS A 241 8.50 9.46 13.32
N TYR A 242 8.52 8.30 12.66
CA TYR A 242 7.65 7.19 13.06
C TYR A 242 7.74 6.84 14.53
N SER A 243 8.83 7.27 15.17
CA SER A 243 9.03 6.99 16.59
C SER A 243 8.36 8.01 17.50
N ASN A 244 8.89 9.23 17.45
CA ASN A 244 8.45 10.35 18.26
C ASN A 244 6.94 10.58 18.42
N GLY A 245 6.14 9.85 17.65
CA GLY A 245 4.70 10.02 17.75
C GLY A 245 4.24 11.28 17.01
N ASN A 246 4.96 11.62 15.95
CA ASN A 246 4.63 12.78 15.12
C ASN A 246 3.68 12.29 14.04
N ILE A 247 3.39 10.99 14.10
CA ILE A 247 2.50 10.33 13.16
C ILE A 247 1.11 10.12 13.75
N LYS A 248 0.08 10.54 13.02
CA LYS A 248 -1.29 10.36 13.47
C LYS A 248 -1.99 9.42 12.49
N LYS A 249 -2.59 8.37 13.03
CA LYS A 249 -3.28 7.39 12.20
C LYS A 249 -4.78 7.64 12.22
N LEU A 250 -5.34 7.97 11.06
CA LEU A 250 -6.78 8.19 10.98
C LEU A 250 -7.45 6.82 11.13
N LEU A 251 -8.44 6.74 12.02
CA LEU A 251 -9.14 5.50 12.28
C LEU A 251 -10.64 5.68 12.17
N PHE A 252 -11.31 4.73 11.53
CA PHE A 252 -12.75 4.79 11.39
C PHE A 252 -13.43 4.31 12.68
N HIS A 253 -12.70 3.56 13.47
CA HIS A 253 -13.22 3.03 14.71
C HIS A 253 -12.23 3.24 15.84
N GLN A 254 -12.66 3.91 16.91
CA GLN A 254 -11.78 4.12 18.04
C GLN A 254 -11.73 2.78 18.80
N LYS A 255 -12.42 1.80 18.24
CA LYS A 255 -12.50 0.43 18.78
C LYS A 255 -11.13 -0.27 18.74
N GLN B 3 18.95 20.56 -4.69
CA GLN B 3 19.47 19.17 -4.49
C GLN B 3 18.81 18.19 -5.46
N LYS B 4 18.30 17.08 -4.93
CA LYS B 4 17.65 16.06 -5.76
C LYS B 4 16.50 15.31 -5.06
N SER B 5 16.79 14.71 -3.90
CA SER B 5 15.80 13.93 -3.13
C SER B 5 14.89 13.07 -4.00
N LEU B 6 15.46 12.04 -4.62
CA LEU B 6 14.77 11.13 -5.51
C LEU B 6 13.23 11.23 -5.53
N LEU B 7 12.60 11.16 -4.36
CA LEU B 7 11.14 11.25 -4.26
C LEU B 7 10.65 12.62 -4.72
N GLN B 8 11.14 13.66 -4.07
CA GLN B 8 10.77 15.04 -4.38
C GLN B 8 10.92 15.32 -5.87
N GLN B 9 12.02 14.83 -6.45
CA GLN B 9 12.29 15.02 -7.85
C GLN B 9 11.27 14.32 -8.76
N LEU B 10 10.69 13.22 -8.29
CA LEU B 10 9.71 12.48 -9.08
C LEU B 10 8.35 13.17 -8.99
N LEU B 11 8.12 13.82 -7.85
CA LEU B 11 6.87 14.53 -7.62
C LEU B 11 6.77 15.77 -8.49
N THR B 12 7.85 16.07 -9.19
CA THR B 12 7.91 17.23 -10.08
C THR B 12 8.28 16.80 -11.50
N GLU B 13 8.62 15.52 -11.68
CA GLU B 13 8.97 14.98 -13.00
C GLU B 13 7.75 15.05 -13.93
#